data_9F80
#
_entry.id   9F80
#
_cell.length_a   63.040
_cell.length_b   75.280
_cell.length_c   139.520
_cell.angle_alpha   90.000
_cell.angle_beta   90.000
_cell.angle_gamma   90.000
#
_symmetry.space_group_name_H-M   'C 2 2 21'
#
loop_
_entity.id
_entity.type
_entity.pdbx_description
1 polymer 'Uncharacterized protein Rv2242'
2 non-polymer 2-AMINO-2-HYDROXYMETHYL-PROPANE-1,3-DIOL
3 non-polymer 'SODIUM ION'
4 water water
#
_entity_poly.entity_id   1
_entity_poly.type   'polypeptide(L)'
_entity_poly.pdbx_seq_one_letter_code
;MGSSHHHHHHSSGLVPRGSHMARGTWDSRMEASVVDAVVRGDTGPELLSRAAALNWDTTAPATVLVGTPAPGPNGSNSDG
DSERASQDVRDTAARHGRAALTDVHGTWLVAIVSGQLSPTEKFLKDLLAAFADAPVVIGPTAPMLTAAHRSASEAISGMN
AVAGWRGAPRPVLARELLPERALMGDASAIVALHTDVMRPLADAGPTLIETLDAYLDCGGAIEACARKLFVHPNTVRYRL
KRITDFTGRDPTQPRDAYVLRVAATVGQLNYPTPH
;
_entity_poly.pdbx_strand_id   A
#
loop_
_chem_comp.id
_chem_comp.type
_chem_comp.name
_chem_comp.formula
NA non-polymer 'SODIUM ION' 'Na 1'
TRS non-polymer 2-AMINO-2-HYDROXYMETHYL-PROPANE-1,3-DIOL 'C4 H12 N O3 1'
#
# COMPACT_ATOMS: atom_id res chain seq x y z
N TRP A 26 -10.13 -18.39 -22.94
CA TRP A 26 -9.97 -17.25 -22.01
C TRP A 26 -10.82 -16.07 -22.45
N ASP A 27 -11.83 -15.69 -21.65
CA ASP A 27 -12.65 -14.53 -22.02
C ASP A 27 -12.17 -13.22 -21.37
N SER A 28 -11.41 -12.42 -22.11
CA SER A 28 -10.80 -11.28 -21.45
C SER A 28 -11.74 -10.06 -21.41
N ARG A 29 -12.92 -10.09 -22.05
CA ARG A 29 -13.90 -9.02 -21.82
C ARG A 29 -14.42 -9.30 -20.43
N MET A 30 -14.63 -10.58 -20.14
CA MET A 30 -15.28 -10.92 -18.89
C MET A 30 -14.31 -10.71 -17.72
N GLU A 31 -13.04 -10.98 -17.97
CA GLU A 31 -11.99 -10.77 -16.98
C GLU A 31 -12.00 -9.29 -16.57
N ALA A 32 -11.97 -8.39 -17.56
CA ALA A 32 -11.95 -6.95 -17.32
C ALA A 32 -13.24 -6.52 -16.60
N SER A 33 -14.40 -7.12 -16.91
CA SER A 33 -15.65 -6.71 -16.31
C SER A 33 -15.64 -7.09 -14.85
N VAL A 34 -14.98 -8.23 -14.55
CA VAL A 34 -14.91 -8.63 -13.15
C VAL A 34 -14.01 -7.63 -12.41
N VAL A 35 -12.81 -7.36 -12.98
CA VAL A 35 -11.94 -6.34 -12.32
C VAL A 35 -12.66 -4.99 -12.15
N ASP A 36 -13.35 -4.57 -13.18
CA ASP A 36 -13.93 -3.23 -13.18
C ASP A 36 -15.08 -3.17 -12.19
N ALA A 37 -15.79 -4.29 -11.99
CA ALA A 37 -16.84 -4.33 -11.00
C ALA A 37 -16.25 -4.25 -9.59
N VAL A 38 -15.07 -4.83 -9.31
CA VAL A 38 -14.43 -4.58 -8.02
C VAL A 38 -14.02 -3.10 -7.94
N VAL A 39 -13.41 -2.58 -8.98
CA VAL A 39 -12.95 -1.18 -8.94
C VAL A 39 -14.14 -0.26 -8.65
N ARG A 40 -15.34 -0.58 -9.18
CA ARG A 40 -16.48 0.33 -9.06
C ARG A 40 -17.26 0.05 -7.79
N GLY A 41 -17.07 -1.13 -7.16
CA GLY A 41 -17.80 -1.45 -5.92
C GLY A 41 -19.17 -2.07 -6.25
N ASP A 42 -19.23 -2.78 -7.36
CA ASP A 42 -20.41 -3.47 -7.86
C ASP A 42 -20.19 -4.96 -7.57
N THR A 43 -20.26 -5.36 -6.31
CA THR A 43 -19.72 -6.65 -5.92
C THR A 43 -20.87 -7.51 -5.40
N GLY A 44 -21.87 -7.73 -6.25
CA GLY A 44 -22.91 -8.70 -5.94
C GLY A 44 -22.41 -10.15 -5.98
N PRO A 45 -23.25 -11.11 -5.56
CA PRO A 45 -22.91 -12.52 -5.65
C PRO A 45 -22.40 -13.01 -7.02
N GLU A 46 -23.12 -12.60 -8.11
CA GLU A 46 -22.89 -12.98 -9.51
C GLU A 46 -21.44 -12.74 -9.97
N LEU A 47 -20.79 -11.70 -9.41
CA LEU A 47 -19.35 -11.48 -9.55
C LEU A 47 -18.56 -12.77 -9.28
N LEU A 48 -18.94 -13.50 -8.22
CA LEU A 48 -18.21 -14.73 -7.86
C LEU A 48 -18.34 -15.81 -8.93
N SER A 49 -19.54 -16.03 -9.49
CA SER A 49 -19.68 -17.04 -10.54
C SER A 49 -18.92 -16.59 -11.79
N ARG A 50 -18.96 -15.27 -12.06
CA ARG A 50 -18.23 -14.74 -13.20
C ARG A 50 -16.76 -15.05 -13.01
N ALA A 51 -16.27 -14.92 -11.79
CA ALA A 51 -14.86 -15.21 -11.50
C ALA A 51 -14.55 -16.73 -11.50
N ALA A 52 -15.41 -17.55 -10.88
CA ALA A 52 -15.22 -19.01 -10.85
C ALA A 52 -15.07 -19.51 -12.27
N ALA A 53 -15.97 -18.98 -13.11
CA ALA A 53 -16.01 -19.26 -14.54
C ALA A 53 -14.68 -18.96 -15.18
N LEU A 54 -13.85 -18.10 -14.56
CA LEU A 54 -12.51 -17.81 -15.07
C LEU A 54 -11.44 -18.50 -14.22
N ASN A 55 -11.81 -19.49 -13.39
CA ASN A 55 -10.88 -20.27 -12.57
C ASN A 55 -10.26 -19.42 -11.46
N TRP A 56 -11.10 -18.58 -10.87
CA TRP A 56 -10.78 -17.94 -9.60
C TRP A 56 -11.42 -18.77 -8.47
N ASP A 57 -10.59 -19.20 -7.55
CA ASP A 57 -11.04 -19.67 -6.26
C ASP A 57 -11.68 -18.54 -5.43
N THR A 58 -12.99 -18.62 -5.29
CA THR A 58 -13.87 -17.57 -4.75
C THR A 58 -13.83 -17.51 -3.23
N THR A 59 -13.22 -18.52 -2.62
CA THR A 59 -12.92 -18.48 -1.20
C THR A 59 -11.60 -17.76 -0.89
N ALA A 60 -10.69 -17.67 -1.87
CA ALA A 60 -9.35 -17.12 -1.64
C ALA A 60 -9.39 -15.62 -1.27
N PRO A 61 -8.42 -15.17 -0.48
CA PRO A 61 -8.09 -13.73 -0.40
C PRO A 61 -7.76 -13.06 -1.75
N ALA A 62 -8.11 -11.76 -1.83
CA ALA A 62 -7.94 -10.97 -3.03
C ALA A 62 -7.11 -9.70 -2.73
N THR A 63 -6.05 -9.42 -3.53
CA THR A 63 -5.23 -8.21 -3.35
C THR A 63 -5.11 -7.52 -4.71
N VAL A 64 -5.40 -6.23 -4.69
CA VAL A 64 -5.29 -5.44 -5.90
C VAL A 64 -3.97 -4.68 -5.91
N LEU A 65 -3.26 -4.73 -7.02
CA LEU A 65 -2.08 -3.91 -7.18
C LEU A 65 -2.18 -3.22 -8.52
N VAL A 66 -1.43 -2.12 -8.61
CA VAL A 66 -1.45 -1.37 -9.85
C VAL A 66 -0.01 -1.01 -10.23
N GLY A 67 0.28 -1.08 -11.51
CA GLY A 67 1.59 -0.63 -11.96
C GLY A 67 1.51 -0.32 -13.47
N THR A 68 2.63 0.01 -14.09
CA THR A 68 2.70 0.18 -15.52
C THR A 68 3.13 -1.13 -16.21
N PRO A 69 2.56 -1.57 -17.36
CA PRO A 69 3.10 -2.73 -18.06
C PRO A 69 4.55 -2.63 -18.50
N ALA A 70 5.24 -3.77 -18.52
CA ALA A 70 6.64 -3.72 -18.93
C ALA A 70 6.71 -3.29 -20.41
N PRO A 71 7.69 -2.46 -20.80
CA PRO A 71 7.75 -2.01 -22.18
C PRO A 71 8.30 -3.17 -22.98
N GLY A 72 7.62 -3.61 -24.07
CA GLY A 72 7.99 -4.78 -24.84
C GLY A 72 9.09 -4.48 -25.86
N PRO A 73 9.62 -5.50 -26.59
CA PRO A 73 10.72 -5.30 -27.55
C PRO A 73 10.54 -4.19 -28.62
N ASN A 74 9.30 -3.85 -29.08
CA ASN A 74 9.03 -2.69 -29.95
C ASN A 74 8.06 -1.74 -29.25
N ASN A 77 4.10 -2.35 -31.65
CA ASN A 77 4.13 -3.27 -30.49
C ASN A 77 3.55 -2.59 -29.25
N SER A 78 3.84 -1.30 -29.01
CA SER A 78 3.73 -0.67 -27.68
C SER A 78 2.29 -0.43 -27.16
N ASP A 79 1.21 -0.74 -27.88
CA ASP A 79 -0.10 -0.75 -27.23
C ASP A 79 -0.35 -2.14 -26.64
N GLY A 80 0.25 -3.18 -27.24
CA GLY A 80 0.12 -4.55 -26.76
C GLY A 80 1.07 -4.90 -25.60
N ASP A 81 1.87 -3.95 -25.12
CA ASP A 81 2.55 -4.03 -23.81
C ASP A 81 1.63 -4.48 -22.67
N SER A 82 0.45 -3.88 -22.66
CA SER A 82 -0.58 -4.17 -21.71
C SER A 82 -1.13 -5.59 -21.85
N GLU A 83 -1.25 -6.08 -23.09
CA GLU A 83 -1.79 -7.42 -23.27
C GLU A 83 -0.72 -8.47 -22.93
N ARG A 84 0.55 -8.23 -23.31
CA ARG A 84 1.65 -9.11 -22.93
C ARG A 84 1.74 -9.16 -21.39
N ALA A 85 1.65 -8.00 -20.75
CA ALA A 85 1.90 -7.91 -19.31
C ALA A 85 0.74 -8.62 -18.61
N SER A 86 -0.45 -8.57 -19.17
CA SER A 86 -1.58 -9.28 -18.61
C SER A 86 -1.38 -10.79 -18.61
N GLN A 87 -0.87 -11.27 -19.74
CA GLN A 87 -0.62 -12.68 -19.93
C GLN A 87 0.47 -13.12 -18.95
N ASP A 88 1.54 -12.34 -18.84
CA ASP A 88 2.58 -12.70 -17.91
C ASP A 88 2.03 -12.82 -16.51
N VAL A 89 1.20 -11.85 -16.15
CA VAL A 89 0.69 -11.78 -14.79
C VAL A 89 -0.09 -13.07 -14.55
N ARG A 90 -0.90 -13.47 -15.54
CA ARG A 90 -1.79 -14.63 -15.33
C ARG A 90 -0.99 -15.94 -15.32
N ASP A 91 0.06 -16.00 -16.16
CA ASP A 91 1.00 -17.09 -16.19
C ASP A 91 1.73 -17.20 -14.86
N THR A 92 2.24 -16.06 -14.37
CA THR A 92 3.00 -16.09 -13.15
C THR A 92 2.10 -16.56 -12.04
N ALA A 93 0.85 -16.06 -12.01
CA ALA A 93 -0.05 -16.54 -10.99
C ALA A 93 -0.21 -18.07 -11.10
N ALA A 94 -0.54 -18.58 -12.29
CA ALA A 94 -0.79 -20.01 -12.44
C ALA A 94 0.41 -20.79 -11.91
N ARG A 95 1.61 -20.43 -12.35
CA ARG A 95 2.82 -21.09 -11.94
C ARG A 95 2.96 -21.16 -10.42
N HIS A 96 2.49 -20.14 -9.71
CA HIS A 96 2.56 -20.14 -8.26
C HIS A 96 1.28 -20.70 -7.67
N GLY A 97 0.39 -21.29 -8.49
CA GLY A 97 -0.81 -21.89 -7.90
C GLY A 97 -1.91 -20.89 -7.53
N ARG A 98 -1.89 -19.71 -8.15
CA ARG A 98 -2.80 -18.65 -7.75
C ARG A 98 -3.59 -18.26 -8.99
N ALA A 99 -4.56 -17.33 -8.85
CA ALA A 99 -5.24 -16.73 -9.98
C ALA A 99 -5.02 -15.20 -9.97
N ALA A 100 -5.05 -14.62 -11.16
CA ALA A 100 -5.02 -13.19 -11.40
C ALA A 100 -6.07 -12.76 -12.44
N LEU A 101 -6.74 -11.63 -12.15
CA LEU A 101 -7.53 -10.94 -13.15
C LEU A 101 -6.97 -9.53 -13.31
N THR A 102 -6.94 -9.07 -14.55
CA THR A 102 -6.40 -7.78 -14.93
C THR A 102 -7.38 -6.93 -15.71
N ASP A 103 -7.07 -5.62 -15.72
CA ASP A 103 -7.74 -4.62 -16.51
C ASP A 103 -6.77 -3.45 -16.60
N VAL A 104 -7.02 -2.51 -17.50
CA VAL A 104 -6.21 -1.32 -17.65
C VAL A 104 -6.93 -0.15 -17.00
N HIS A 105 -6.15 0.87 -16.64
CA HIS A 105 -6.65 2.10 -16.04
C HIS A 105 -5.81 3.17 -16.70
N GLY A 106 -6.17 3.48 -17.94
CA GLY A 106 -5.33 4.26 -18.81
C GLY A 106 -4.03 3.55 -19.10
N THR A 107 -2.90 4.14 -18.70
CA THR A 107 -1.64 3.52 -18.97
C THR A 107 -1.26 2.55 -17.85
N TRP A 108 -2.05 2.47 -16.80
CA TRP A 108 -1.73 1.50 -15.76
C TRP A 108 -2.40 0.15 -16.03
N LEU A 109 -1.79 -0.90 -15.51
CA LEU A 109 -2.38 -2.22 -15.44
C LEU A 109 -2.80 -2.54 -14.00
N VAL A 110 -4.06 -2.91 -13.84
CA VAL A 110 -4.64 -3.18 -12.57
C VAL A 110 -4.75 -4.70 -12.47
N ALA A 111 -4.18 -5.34 -11.43
CA ALA A 111 -4.20 -6.81 -11.29
C ALA A 111 -4.77 -7.18 -9.94
N ILE A 112 -5.75 -8.06 -9.96
CA ILE A 112 -6.21 -8.64 -8.73
C ILE A 112 -5.60 -10.05 -8.67
N VAL A 113 -4.94 -10.39 -7.55
CA VAL A 113 -4.31 -11.69 -7.36
C VAL A 113 -4.84 -12.40 -6.10
N SER A 114 -4.84 -13.77 -6.11
CA SER A 114 -5.48 -14.54 -5.08
C SER A 114 -4.41 -15.00 -4.12
N GLY A 115 -4.85 -15.15 -2.87
CA GLY A 115 -4.10 -15.85 -1.82
C GLY A 115 -3.33 -14.88 -0.92
N GLN A 116 -2.84 -15.38 0.22
CA GLN A 116 -2.11 -14.54 1.16
C GLN A 116 -0.84 -14.06 0.46
N LEU A 117 -0.35 -12.87 0.76
CA LEU A 117 0.72 -12.28 -0.05
C LEU A 117 1.76 -11.63 0.85
N SER A 118 2.98 -12.18 0.88
CA SER A 118 4.09 -11.69 1.68
C SER A 118 5.02 -10.84 0.83
N PRO A 119 5.78 -9.95 1.48
CA PRO A 119 6.44 -8.89 0.72
C PRO A 119 7.65 -9.52 0.04
N THR A 120 8.29 -10.44 0.77
CA THR A 120 9.54 -11.01 0.35
C THR A 120 9.35 -12.21 -0.55
N GLU A 121 8.10 -12.63 -0.80
CA GLU A 121 7.88 -13.94 -1.39
C GLU A 121 7.97 -13.95 -2.93
N LYS A 122 8.13 -15.17 -3.44
CA LYS A 122 8.71 -15.33 -4.75
C LYS A 122 7.64 -15.04 -5.79
N PHE A 123 6.40 -15.40 -5.49
CA PHE A 123 5.34 -15.04 -6.39
C PHE A 123 5.41 -13.53 -6.72
N LEU A 124 5.67 -12.73 -5.70
CA LEU A 124 5.55 -11.30 -5.89
C LEU A 124 6.79 -10.79 -6.61
N LYS A 125 7.96 -11.39 -6.40
CA LYS A 125 9.14 -10.96 -7.14
C LYS A 125 8.91 -11.25 -8.61
N ASP A 126 8.29 -12.38 -8.90
CA ASP A 126 8.12 -12.75 -10.29
C ASP A 126 7.08 -11.84 -10.95
N LEU A 127 5.93 -11.66 -10.27
CA LEU A 127 4.90 -10.77 -10.71
C LEU A 127 5.44 -9.38 -11.15
N LEU A 128 6.36 -8.82 -10.35
CA LEU A 128 6.94 -7.53 -10.60
C LEU A 128 7.67 -7.49 -11.93
N ALA A 129 8.12 -8.65 -12.44
CA ALA A 129 8.77 -8.63 -13.74
C ALA A 129 7.75 -8.29 -14.85
N ALA A 130 6.41 -8.43 -14.65
CA ALA A 130 5.46 -8.00 -15.65
C ALA A 130 5.27 -6.49 -15.74
N PHE A 131 5.91 -5.73 -14.87
CA PHE A 131 5.68 -4.30 -14.82
C PHE A 131 6.93 -3.53 -15.18
N ALA A 132 6.76 -2.30 -15.67
CA ALA A 132 7.88 -1.39 -15.89
C ALA A 132 8.62 -1.11 -14.60
N ASP A 133 9.85 -0.71 -14.86
CA ASP A 133 10.71 -0.22 -13.83
C ASP A 133 10.22 1.17 -13.40
N ALA A 134 9.05 1.20 -12.77
CA ALA A 134 8.32 2.42 -12.38
C ALA A 134 7.46 1.98 -11.19
N PRO A 135 6.79 2.88 -10.47
CA PRO A 135 6.10 2.46 -9.26
C PRO A 135 5.11 1.33 -9.49
N VAL A 136 4.94 0.47 -8.46
CA VAL A 136 3.88 -0.52 -8.33
C VAL A 136 3.31 -0.32 -6.93
N VAL A 137 2.01 -0.22 -6.81
CA VAL A 137 1.36 0.05 -5.57
C VAL A 137 0.48 -1.14 -5.23
N ILE A 138 0.67 -1.66 -4.00
CA ILE A 138 -0.10 -2.83 -3.54
C ILE A 138 -1.12 -2.44 -2.47
N GLY A 139 -2.40 -2.73 -2.79
CA GLY A 139 -3.53 -2.51 -1.91
C GLY A 139 -3.55 -3.53 -0.75
N PRO A 140 -4.33 -3.34 0.34
CA PRO A 140 -4.50 -4.39 1.38
C PRO A 140 -5.16 -5.64 0.83
N THR A 141 -4.84 -6.78 1.44
CA THR A 141 -5.48 -8.04 1.12
C THR A 141 -6.91 -8.09 1.65
N ALA A 142 -7.86 -8.42 0.80
CA ALA A 142 -9.22 -8.58 1.24
C ALA A 142 -9.48 -10.08 1.48
N PRO A 143 -10.48 -10.39 2.33
CA PRO A 143 -10.83 -11.79 2.64
C PRO A 143 -11.31 -12.59 1.43
N MET A 144 -11.99 -11.91 0.50
CA MET A 144 -12.49 -12.54 -0.72
C MET A 144 -12.71 -11.50 -1.84
N LEU A 145 -13.01 -12.00 -3.04
CA LEU A 145 -13.00 -11.13 -4.19
C LEU A 145 -14.02 -10.03 -4.00
N THR A 146 -15.18 -10.38 -3.45
CA THR A 146 -16.29 -9.44 -3.32
C THR A 146 -16.01 -8.45 -2.23
N ALA A 147 -14.98 -8.70 -1.39
CA ALA A 147 -14.59 -7.71 -0.42
C ALA A 147 -13.44 -6.81 -0.95
N ALA A 148 -13.02 -6.93 -2.21
CA ALA A 148 -11.80 -6.26 -2.65
C ALA A 148 -11.97 -4.81 -3.15
N HIS A 149 -13.13 -4.19 -3.02
CA HIS A 149 -13.32 -2.84 -3.55
C HIS A 149 -12.40 -1.87 -2.82
N ARG A 150 -12.20 -2.06 -1.52
CA ARG A 150 -11.38 -1.11 -0.79
C ARG A 150 -9.90 -1.30 -1.22
N SER A 151 -9.50 -2.57 -1.40
CA SER A 151 -8.16 -2.82 -1.89
C SER A 151 -7.90 -2.06 -3.21
N ALA A 152 -8.88 -2.14 -4.15
CA ALA A 152 -8.81 -1.44 -5.43
C ALA A 152 -8.72 0.08 -5.26
N SER A 153 -9.59 0.66 -4.41
CA SER A 153 -9.67 2.10 -4.25
C SER A 153 -8.40 2.60 -3.59
N GLU A 154 -7.87 1.83 -2.65
CA GLU A 154 -6.65 2.29 -2.02
C GLU A 154 -5.43 2.15 -2.97
N ALA A 155 -5.34 1.06 -3.74
CA ALA A 155 -4.17 0.87 -4.62
C ALA A 155 -4.15 1.97 -5.70
N ILE A 156 -5.35 2.32 -6.18
CA ILE A 156 -5.57 3.36 -7.22
C ILE A 156 -5.28 4.72 -6.61
N SER A 157 -5.81 5.00 -5.42
CA SER A 157 -5.46 6.22 -4.76
C SER A 157 -3.95 6.31 -4.54
N GLY A 158 -3.29 5.22 -4.13
CA GLY A 158 -1.85 5.27 -3.90
C GLY A 158 -1.06 5.55 -5.17
N MET A 159 -1.52 4.92 -6.23
CA MET A 159 -0.86 5.13 -7.50
C MET A 159 -0.99 6.58 -7.96
N ASN A 160 -2.15 7.19 -7.72
CA ASN A 160 -2.37 8.64 -7.98
C ASN A 160 -1.45 9.49 -7.12
N ALA A 161 -1.14 8.94 -5.92
CA ALA A 161 -0.34 9.71 -4.95
C ALA A 161 1.16 9.43 -5.03
N VAL A 162 1.57 8.37 -5.73
CA VAL A 162 2.95 7.93 -5.52
C VAL A 162 3.95 8.90 -6.11
N ALA A 163 3.57 9.76 -7.10
CA ALA A 163 4.51 10.76 -7.60
C ALA A 163 5.00 11.68 -6.48
N GLY A 164 4.23 11.77 -5.42
CA GLY A 164 4.69 12.68 -4.38
C GLY A 164 5.73 12.13 -3.43
N TRP A 165 6.03 10.82 -3.50
CA TRP A 165 7.23 10.28 -2.91
C TRP A 165 8.11 9.55 -3.97
N ARG A 166 9.03 10.29 -4.51
CA ARG A 166 9.92 9.80 -5.55
C ARG A 166 10.74 8.65 -5.04
N GLY A 167 11.16 8.69 -3.79
CA GLY A 167 11.95 7.61 -3.26
C GLY A 167 11.09 6.45 -2.78
N ALA A 168 9.80 6.38 -3.11
CA ALA A 168 9.04 5.24 -2.61
C ALA A 168 9.75 3.96 -2.96
N PRO A 169 9.72 2.87 -2.17
CA PRO A 169 10.16 1.58 -2.73
C PRO A 169 9.22 1.01 -3.82
N ARG A 170 9.77 0.14 -4.70
CA ARG A 170 9.07 -0.67 -5.67
C ARG A 170 9.07 -2.12 -5.20
N PRO A 171 7.97 -2.71 -4.71
CA PRO A 171 6.68 -2.05 -4.61
C PRO A 171 6.45 -1.27 -3.35
N VAL A 172 5.30 -0.56 -3.25
CA VAL A 172 4.99 0.15 -2.03
C VAL A 172 3.54 -0.17 -1.72
N LEU A 173 3.22 -0.31 -0.43
CA LEU A 173 1.84 -0.51 0.04
C LEU A 173 1.07 0.80 -0.05
N ALA A 174 -0.19 0.72 -0.46
CA ALA A 174 -1.10 1.89 -0.40
C ALA A 174 -1.06 2.55 0.97
N ARG A 175 -1.03 1.72 2.02
CA ARG A 175 -1.05 2.20 3.40
C ARG A 175 0.28 2.81 3.79
N GLU A 176 1.33 2.65 2.99
CA GLU A 176 2.57 3.31 3.21
C GLU A 176 2.67 4.65 2.49
N LEU A 177 1.57 5.15 1.90
CA LEU A 177 1.59 6.44 1.20
C LEU A 177 0.55 7.41 1.79
N LEU A 178 0.43 7.41 3.12
CA LEU A 178 -0.69 8.15 3.71
C LEU A 178 -0.41 9.65 3.66
N PRO A 179 0.81 10.18 3.91
CA PRO A 179 1.03 11.63 3.75
C PRO A 179 0.64 12.12 2.34
N GLU A 180 1.09 11.34 1.35
CA GLU A 180 0.95 11.72 -0.06
C GLU A 180 -0.54 11.72 -0.41
N ARG A 181 -1.24 10.63 -0.11
CA ARG A 181 -2.67 10.57 -0.31
C ARG A 181 -3.36 11.64 0.49
N ALA A 182 -2.96 11.88 1.76
CA ALA A 182 -3.65 12.92 2.55
C ALA A 182 -3.48 14.29 1.87
N LEU A 183 -2.28 14.58 1.38
CA LEU A 183 -2.02 15.91 0.83
C LEU A 183 -2.76 16.06 -0.49
N MET A 184 -3.14 14.94 -1.11
CA MET A 184 -3.85 15.00 -2.38
C MET A 184 -5.35 14.99 -2.08
N GLY A 185 -5.78 14.82 -0.85
CA GLY A 185 -7.18 15.03 -0.57
C GLY A 185 -7.93 13.74 -0.38
N ASP A 186 -7.22 12.64 -0.11
CA ASP A 186 -7.90 11.36 0.04
C ASP A 186 -8.34 11.18 1.49
N ALA A 187 -9.67 11.21 1.64
CA ALA A 187 -10.28 11.26 2.96
C ALA A 187 -9.92 10.01 3.75
N SER A 188 -9.91 8.86 3.08
CA SER A 188 -9.63 7.59 3.74
C SER A 188 -8.17 7.54 4.25
N ALA A 189 -7.23 8.20 3.56
CA ALA A 189 -5.89 8.36 4.11
C ALA A 189 -5.88 9.14 5.42
N ILE A 190 -6.59 10.30 5.50
CA ILE A 190 -6.70 11.08 6.71
C ILE A 190 -7.23 10.20 7.85
N VAL A 191 -8.28 9.44 7.58
CA VAL A 191 -8.84 8.55 8.58
C VAL A 191 -7.77 7.54 9.00
N ALA A 192 -7.02 6.99 8.04
CA ALA A 192 -6.05 5.97 8.38
C ALA A 192 -4.89 6.57 9.18
N LEU A 193 -4.56 7.86 8.96
CA LEU A 193 -3.55 8.46 9.83
C LEU A 193 -4.06 8.47 11.29
N HIS A 194 -5.35 8.82 11.51
CA HIS A 194 -5.92 8.80 12.86
C HIS A 194 -5.92 7.36 13.39
N THR A 195 -6.51 6.44 12.63
CA THR A 195 -6.82 5.15 13.19
C THR A 195 -5.54 4.34 13.29
N ASP A 196 -4.63 4.45 12.33
CA ASP A 196 -3.52 3.50 12.33
C ASP A 196 -2.20 4.10 12.85
N VAL A 197 -2.14 5.41 13.07
CA VAL A 197 -0.89 5.97 13.56
C VAL A 197 -1.20 6.75 14.84
N MET A 198 -2.15 7.68 14.81
CA MET A 198 -2.40 8.53 15.97
C MET A 198 -3.03 7.80 17.15
N ARG A 199 -4.00 6.90 16.91
CA ARG A 199 -4.72 6.28 17.99
C ARG A 199 -3.74 5.40 18.76
N PRO A 200 -2.98 4.53 18.08
CA PRO A 200 -1.96 3.76 18.78
C PRO A 200 -0.85 4.63 19.40
N LEU A 201 -0.53 5.75 18.76
CA LEU A 201 0.44 6.65 19.38
C LEU A 201 -0.12 7.02 20.74
N ALA A 202 -1.40 7.36 20.78
CA ALA A 202 -2.03 8.03 21.91
C ALA A 202 -1.98 7.11 23.13
N ASP A 203 -1.86 5.81 22.88
CA ASP A 203 -1.67 4.85 23.95
C ASP A 203 -0.35 5.10 24.70
N ALA A 204 0.52 5.98 24.22
CA ALA A 204 1.89 6.02 24.74
C ALA A 204 1.97 6.97 25.92
N GLY A 205 0.95 7.84 26.06
CA GLY A 205 0.91 8.87 27.08
C GLY A 205 1.88 10.01 26.82
N PRO A 206 1.81 11.05 27.68
CA PRO A 206 2.44 12.35 27.41
C PRO A 206 3.96 12.34 27.44
N THR A 207 4.57 11.40 28.17
CA THR A 207 6.02 11.41 28.23
C THR A 207 6.58 10.95 26.90
N LEU A 208 6.04 9.85 26.37
CA LEU A 208 6.43 9.42 25.04
C LEU A 208 6.08 10.43 23.92
N ILE A 209 4.87 10.99 23.88
CA ILE A 209 4.50 11.94 22.81
C ILE A 209 5.34 13.22 22.88
N GLU A 210 5.57 13.71 24.09
CA GLU A 210 6.41 14.87 24.29
C GLU A 210 7.84 14.63 23.79
N THR A 211 8.38 13.45 24.10
CA THR A 211 9.73 13.11 23.64
C THR A 211 9.79 13.03 22.10
N LEU A 212 8.84 12.33 21.52
CA LEU A 212 8.69 12.31 20.08
C LEU A 212 8.63 13.73 19.51
N ASP A 213 7.76 14.56 20.04
CA ASP A 213 7.62 15.91 19.48
C ASP A 213 8.92 16.67 19.53
N ALA A 214 9.66 16.49 20.63
CA ALA A 214 10.91 17.24 20.76
C ALA A 214 11.90 16.71 19.77
N TYR A 215 11.97 15.37 19.68
CA TYR A 215 12.95 14.75 18.83
C TYR A 215 12.71 15.18 17.38
N LEU A 216 11.45 15.15 16.94
CA LEU A 216 11.19 15.60 15.56
C LEU A 216 11.59 17.06 15.37
N ASP A 217 11.40 17.94 16.35
CA ASP A 217 11.85 19.31 16.15
C ASP A 217 13.38 19.41 16.21
N CYS A 218 14.14 18.55 16.95
CA CYS A 218 15.59 18.65 16.92
C CYS A 218 16.09 17.98 15.65
N GLY A 219 15.18 17.45 14.81
CA GLY A 219 15.54 16.74 13.59
C GLY A 219 16.29 15.42 13.84
N GLY A 220 16.14 14.79 15.03
CA GLY A 220 16.79 13.50 15.26
C GLY A 220 18.23 13.57 15.81
N ALA A 221 18.57 14.75 16.33
CA ALA A 221 19.84 15.05 16.93
C ALA A 221 19.72 14.73 18.42
N ILE A 222 20.19 13.51 18.73
CA ILE A 222 19.92 12.81 19.98
C ILE A 222 20.61 13.48 21.16
N GLU A 223 21.92 13.73 21.02
CA GLU A 223 22.68 14.40 22.07
C GLU A 223 21.95 15.69 22.49
N ALA A 224 21.51 16.42 21.46
CA ALA A 224 21.05 17.77 21.67
C ALA A 224 19.72 17.69 22.38
N CYS A 225 18.87 16.83 21.84
CA CYS A 225 17.55 16.63 22.40
C CYS A 225 17.56 16.17 23.84
N ALA A 226 18.48 15.22 24.12
CA ALA A 226 18.64 14.67 25.46
C ALA A 226 18.86 15.82 26.46
N ARG A 227 19.86 16.70 26.17
CA ARG A 227 20.08 17.92 26.97
C ARG A 227 18.78 18.70 27.17
N LYS A 228 18.06 18.99 26.07
CA LYS A 228 16.79 19.70 26.14
C LYS A 228 15.71 19.01 26.96
N LEU A 229 15.70 17.67 27.01
CA LEU A 229 14.67 16.94 27.73
C LEU A 229 15.14 16.50 29.14
N PHE A 230 16.37 16.91 29.50
CA PHE A 230 17.03 16.55 30.75
C PHE A 230 17.10 15.02 30.92
N VAL A 231 17.69 14.29 29.96
CA VAL A 231 17.79 12.85 30.15
C VAL A 231 18.99 12.37 29.41
N HIS A 232 19.40 11.12 29.76
CA HIS A 232 20.45 10.49 29.00
C HIS A 232 19.95 10.35 27.55
N PRO A 233 20.88 10.50 26.59
CA PRO A 233 20.71 10.04 25.24
C PRO A 233 20.05 8.70 25.12
N ASN A 234 20.46 7.71 25.93
CA ASN A 234 19.88 6.37 25.84
C ASN A 234 18.45 6.32 26.36
N THR A 235 18.08 7.20 27.29
CA THR A 235 16.67 7.28 27.61
C THR A 235 15.88 7.79 26.38
N VAL A 236 16.41 8.76 25.62
CA VAL A 236 15.65 9.22 24.47
C VAL A 236 15.50 8.07 23.51
N ARG A 237 16.62 7.36 23.21
CA ARG A 237 16.59 6.23 22.31
C ARG A 237 15.58 5.17 22.75
N TYR A 238 15.58 4.86 24.04
CA TYR A 238 14.64 3.87 24.57
C TYR A 238 13.21 4.36 24.34
N ARG A 239 12.96 5.62 24.59
CA ARG A 239 11.59 6.13 24.44
C ARG A 239 11.16 6.10 22.96
N LEU A 240 12.09 6.32 22.01
CA LEU A 240 11.72 6.21 20.60
C LEU A 240 11.41 4.74 20.24
N LYS A 241 12.14 3.81 20.86
CA LYS A 241 11.93 2.37 20.62
C LYS A 241 10.54 2.01 21.16
N ARG A 242 10.12 2.65 22.24
CA ARG A 242 8.74 2.52 22.69
C ARG A 242 7.72 3.08 21.69
N ILE A 243 8.02 4.25 21.10
CA ILE A 243 7.15 4.81 20.08
C ILE A 243 6.95 3.75 18.99
N THR A 244 8.04 3.12 18.59
CA THR A 244 7.96 2.04 17.68
C THR A 244 7.13 0.91 18.30
N ASP A 245 7.18 0.68 19.61
CA ASP A 245 6.36 -0.43 20.10
C ASP A 245 4.88 -0.05 19.95
N PHE A 246 4.46 1.16 20.30
CA PHE A 246 3.04 1.50 20.26
C PHE A 246 2.51 1.57 18.80
N THR A 247 3.35 1.86 17.76
CA THR A 247 2.88 2.39 16.47
C THR A 247 3.53 1.66 15.30
N GLY A 248 4.55 0.86 15.53
CA GLY A 248 5.16 0.27 14.36
C GLY A 248 5.96 1.23 13.50
N ARG A 249 6.09 2.53 13.86
CA ARG A 249 6.97 3.39 13.07
C ARG A 249 8.20 3.78 13.91
N ASP A 250 9.37 3.81 13.33
CA ASP A 250 10.59 4.04 14.04
C ASP A 250 10.99 5.50 13.83
N PRO A 251 10.95 6.34 14.88
CA PRO A 251 11.16 7.78 14.71
C PRO A 251 12.52 8.09 14.15
N THR A 252 13.47 7.14 14.26
CA THR A 252 14.82 7.38 13.78
C THR A 252 15.00 7.08 12.28
N GLN A 253 14.03 6.43 11.65
CA GLN A 253 13.99 6.25 10.21
C GLN A 253 13.26 7.44 9.58
N PRO A 254 13.91 8.15 8.65
CA PRO A 254 13.36 9.38 8.10
C PRO A 254 11.96 9.25 7.49
N ARG A 255 11.63 8.12 6.87
CA ARG A 255 10.29 8.00 6.34
C ARG A 255 9.30 7.91 7.51
N ASP A 256 9.61 7.03 8.47
CA ASP A 256 8.76 6.83 9.63
C ASP A 256 8.47 8.12 10.37
N ALA A 257 9.53 8.92 10.48
CA ALA A 257 9.54 10.14 11.27
C ALA A 257 8.65 11.11 10.51
N TYR A 258 8.76 11.10 9.19
CA TYR A 258 7.85 11.98 8.44
C TYR A 258 6.38 11.57 8.56
N VAL A 259 6.12 10.27 8.53
CA VAL A 259 4.75 9.81 8.71
C VAL A 259 4.20 10.16 10.09
N LEU A 260 5.02 9.96 11.16
CA LEU A 260 4.60 10.37 12.49
C LEU A 260 4.28 11.86 12.56
N ARG A 261 5.14 12.65 11.96
CA ARG A 261 4.94 14.09 12.01
C ARG A 261 3.67 14.59 11.29
N VAL A 262 3.41 14.05 10.09
CA VAL A 262 2.19 14.35 9.38
C VAL A 262 0.99 13.79 10.15
N ALA A 263 1.12 12.59 10.66
CA ALA A 263 -0.01 11.97 11.38
C ALA A 263 -0.35 12.78 12.65
N ALA A 264 0.66 13.28 13.36
CA ALA A 264 0.41 14.07 14.56
C ALA A 264 -0.26 15.39 14.16
N THR A 265 0.07 15.94 12.99
CA THR A 265 -0.58 17.18 12.58
C THR A 265 -2.05 16.93 12.31
N VAL A 266 -2.30 15.95 11.45
CA VAL A 266 -3.64 15.61 11.07
C VAL A 266 -4.49 15.25 12.29
N GLY A 267 -3.88 14.55 13.22
CA GLY A 267 -4.48 14.27 14.52
C GLY A 267 -5.02 15.54 15.16
N GLN A 268 -4.25 16.63 15.17
CA GLN A 268 -4.69 17.84 15.85
C GLN A 268 -5.70 18.59 15.03
N LEU A 269 -5.65 18.51 13.73
CA LEU A 269 -6.58 19.28 12.93
C LEU A 269 -7.68 18.33 12.40
N ASN A 270 -8.49 17.76 13.35
CA ASN A 270 -9.71 16.99 13.06
C ASN A 270 -10.54 16.73 14.32
C TRS B . 5.39 18.25 16.26
C1 TRS B . 6.15 18.73 17.50
C2 TRS B . 5.19 16.73 16.30
C3 TRS B . 6.17 18.65 14.98
N TRS B . 4.03 18.93 16.32
O1 TRS B . 6.27 20.14 17.45
O2 TRS B . 5.32 16.12 15.04
O3 TRS B . 7.59 18.48 15.07
NA NA C . -4.42 -11.86 -2.41
#